data_5D10
#
_entry.id   5D10
#
_cell.length_a   41.900
_cell.length_b   63.500
_cell.length_c   76.600
_cell.angle_alpha   79.200
_cell.angle_beta   88.100
_cell.angle_gamma   90.100
#
_symmetry.space_group_name_H-M   'P 1'
#
loop_
_entity.id
_entity.type
_entity.pdbx_description
1 polymer 'Proto-oncogene tyrosine-protein kinase Src'
2 non-polymer N-[4-({4-(4-methylpiperazin-1-yl)-6-[(5-methyl-1H-pyrazol-3-yl)amino]pyrimidin-2-yl}oxy)phenyl]prop-2-enamide
3 water water
#
_entity_poly.entity_id   1
_entity_poly.type   'polypeptide(L)'
_entity_poly.pdbx_seq_one_letter_code
;GHMQTQGLAKDAWEIPRESLRLEVKLGQGCFGEVWMGTWNGTTRVAIKTLKPGTMSPEAFLQEAQVMKKLRHEKLVQLYA
VVSEEPIYIVMEYMSKGCLLDFLKGEMGKYLRLPQLVDMAAQIASGMAYVERMNYVHRDLRAANILVGENLVCKVADFGL
ARLIEDNEYTARQGAKFPIKWTAPEAALYGRFTIKSDVWSFGILLTELTTKGRVPYPGMVNREVLDQVERGYRMPCPPEC
PESLHDLMCQCWRKDPEERPTFEYLQAFLEDYFTSTEPQYQPGENL
;
_entity_poly.pdbx_strand_id   A,B
#
# COMPACT_ATOMS: atom_id res chain seq x y z
N ASP A 11 25.19 10.46 34.79
CA ASP A 11 24.34 10.51 36.03
C ASP A 11 23.33 11.67 36.14
N ALA A 12 23.42 12.68 35.26
CA ALA A 12 22.37 13.71 35.13
C ALA A 12 21.30 13.21 34.15
N TRP A 13 20.20 13.97 34.03
CA TRP A 13 18.94 13.55 33.33
C TRP A 13 18.03 12.63 34.17
N GLU A 14 18.55 12.10 35.27
CA GLU A 14 17.97 10.95 35.94
C GLU A 14 16.72 11.35 36.70
N ILE A 15 15.72 10.47 36.65
CA ILE A 15 14.40 10.73 37.23
C ILE A 15 13.86 9.52 38.00
N PRO A 16 12.86 9.76 38.87
CA PRO A 16 12.20 8.66 39.56
C PRO A 16 11.12 8.05 38.69
N ARG A 17 10.92 6.75 38.87
CA ARG A 17 10.07 5.94 38.01
C ARG A 17 8.61 6.21 38.27
N GLU A 18 8.31 6.63 39.49
CA GLU A 18 6.96 7.07 39.84
C GLU A 18 6.48 8.29 39.03
N SER A 19 7.40 9.12 38.57
CA SER A 19 7.06 10.36 37.85
C SER A 19 6.52 10.22 36.39
N LEU A 20 6.49 9.02 35.81
CA LEU A 20 6.03 8.83 34.40
C LEU A 20 4.95 7.74 34.20
N ARG A 21 3.72 8.19 33.95
CA ARG A 21 2.58 7.31 33.67
C ARG A 21 2.50 7.02 32.16
N LEU A 22 2.56 5.74 31.79
CA LEU A 22 2.51 5.28 30.38
C LEU A 22 1.09 4.90 30.01
N GLU A 23 0.56 5.50 28.93
CA GLU A 23 -0.90 5.50 28.64
C GLU A 23 -1.42 4.66 27.42
N VAL A 24 -0.71 4.69 26.29
CA VAL A 24 -1.13 4.01 25.04
C VAL A 24 0.07 3.47 24.23
N LYS A 25 0.06 2.18 23.89
CA LYS A 25 1.11 1.55 23.03
C LYS A 25 1.13 2.08 21.59
N LEU A 26 2.31 2.01 20.96
CA LEU A 26 2.53 2.57 19.61
C LEU A 26 3.40 1.66 18.72
N GLY A 27 4.62 1.39 19.17
CA GLY A 27 5.57 0.51 18.46
C GLY A 27 5.46 -0.91 18.96
N GLN A 28 6.53 -1.68 18.81
CA GLN A 28 6.56 -3.08 19.26
C GLN A 28 7.99 -3.58 19.40
N GLU A 33 9.14 -1.80 22.94
CA GLU A 33 7.90 -1.07 22.70
C GLU A 33 8.11 0.46 22.71
N VAL A 34 7.03 1.19 22.46
CA VAL A 34 7.02 2.65 22.55
C VAL A 34 5.62 3.08 22.98
N TRP A 35 5.53 3.99 23.96
CA TRP A 35 4.23 4.47 24.49
C TRP A 35 4.08 5.97 24.43
N MET A 36 2.83 6.46 24.50
CA MET A 36 2.54 7.86 24.86
C MET A 36 2.23 7.90 26.35
N GLY A 37 2.65 8.97 27.01
CA GLY A 37 2.40 9.15 28.44
C GLY A 37 2.42 10.58 28.95
N THR A 38 2.62 10.69 30.27
CA THR A 38 2.81 11.97 30.96
C THR A 38 4.01 11.84 31.88
N TRP A 39 4.77 12.93 32.00
CA TRP A 39 5.97 13.03 32.84
C TRP A 39 5.81 14.18 33.80
N ASN A 40 6.02 13.90 35.09
CA ASN A 40 5.65 14.81 36.21
C ASN A 40 4.17 15.24 36.16
N GLY A 41 3.30 14.29 35.77
CA GLY A 41 1.85 14.55 35.65
C GLY A 41 1.41 15.78 34.83
N THR A 42 2.32 16.34 34.04
CA THR A 42 2.08 17.54 33.28
C THR A 42 2.43 17.27 31.81
N THR A 43 3.72 17.16 31.52
CA THR A 43 4.21 17.15 30.12
C THR A 43 3.86 15.86 29.37
N ARG A 44 3.34 15.99 28.15
CA ARG A 44 3.08 14.85 27.25
C ARG A 44 4.39 14.38 26.65
N VAL A 45 4.56 13.07 26.54
CA VAL A 45 5.87 12.47 26.26
C VAL A 45 5.71 11.16 25.52
N ALA A 46 6.81 10.76 24.86
CA ALA A 46 6.93 9.49 24.15
C ALA A 46 7.96 8.64 24.90
N ILE A 47 7.54 7.44 25.29
CA ILE A 47 8.30 6.60 26.22
C ILE A 47 8.83 5.34 25.51
N LYS A 48 10.09 5.40 25.09
CA LYS A 48 10.75 4.29 24.42
C LYS A 48 11.30 3.38 25.50
N THR A 49 10.53 2.33 25.80
CA THR A 49 10.96 1.29 26.74
C THR A 49 12.20 0.55 26.27
N LEU A 50 12.67 -0.29 27.18
CA LEU A 50 13.77 -1.21 26.93
C LEU A 50 13.41 -2.54 27.54
N LYS A 51 13.60 -3.59 26.76
CA LYS A 51 13.63 -4.92 27.33
C LYS A 51 14.84 -4.91 28.26
N PRO A 52 14.74 -5.45 29.51
CA PRO A 52 15.93 -5.33 30.34
C PRO A 52 16.97 -6.47 30.17
N GLY A 53 17.65 -6.64 29.02
CA GLY A 53 17.02 -6.80 27.67
C GLY A 53 17.57 -8.02 26.94
N THR A 54 17.63 -8.05 25.59
CA THR A 54 17.98 -6.96 24.64
C THR A 54 19.10 -6.06 25.05
N MET A 55 20.28 -6.64 25.21
CA MET A 55 21.55 -5.92 25.09
C MET A 55 21.93 -5.15 26.34
N SER A 56 21.07 -5.14 27.38
CA SER A 56 20.16 -4.04 27.18
C SER A 56 20.80 -2.74 27.54
N PRO A 57 21.53 -2.68 28.69
CA PRO A 57 22.21 -1.42 28.97
C PRO A 57 23.44 -1.13 28.09
N GLU A 58 23.28 -1.32 26.79
CA GLU A 58 24.34 -1.05 25.80
C GLU A 58 24.28 0.29 25.04
N ALA A 59 23.21 0.74 24.35
CA ALA A 59 21.80 0.29 24.32
C ALA A 59 21.05 0.63 25.60
N ALA A 64 21.08 7.58 23.00
CA ALA A 64 21.01 7.82 24.44
C ALA A 64 22.00 8.92 24.90
N GLN A 65 23.30 8.61 24.93
CA GLN A 65 24.36 9.66 24.99
C GLN A 65 24.52 10.27 23.59
N VAL A 66 24.24 9.43 22.59
CA VAL A 66 24.14 9.82 21.17
C VAL A 66 23.15 10.98 20.97
N MET A 67 21.99 10.88 21.62
CA MET A 67 20.91 11.88 21.54
C MET A 67 21.07 13.03 22.55
N LYS A 68 21.84 12.80 23.62
CA LYS A 68 22.24 13.84 24.59
C LYS A 68 23.26 14.82 24.00
N LYS A 69 24.11 14.31 23.11
CA LYS A 69 25.07 15.13 22.36
C LYS A 69 24.46 16.02 21.24
N LEU A 70 23.19 15.81 20.88
CA LEU A 70 22.50 16.55 19.80
C LEU A 70 21.22 17.25 20.27
N ARG A 71 20.99 18.49 19.82
CA ARG A 71 19.84 19.34 20.25
C ARG A 71 19.47 20.42 19.18
N HIS A 72 18.26 20.34 18.62
CA HIS A 72 17.86 21.18 17.47
C HIS A 72 16.33 21.07 17.24
N GLU A 73 15.71 22.09 16.63
CA GLU A 73 14.24 22.19 16.49
C GLU A 73 13.60 21.11 15.59
N LYS A 74 14.21 20.89 14.43
CA LYS A 74 13.87 19.81 13.50
C LYS A 74 14.46 18.42 13.80
N LEU A 75 15.03 18.24 14.99
CA LEU A 75 15.39 16.93 15.54
C LEU A 75 14.53 16.61 16.75
N VAL A 76 14.26 15.33 16.97
CA VAL A 76 13.48 14.87 18.13
C VAL A 76 14.33 14.91 19.42
N GLN A 77 13.71 15.37 20.51
CA GLN A 77 14.41 15.65 21.79
C GLN A 77 14.30 14.54 22.88
N LEU A 78 15.45 14.18 23.45
CA LEU A 78 15.50 13.39 24.68
C LEU A 78 15.33 14.33 25.90
N TYR A 79 14.31 14.08 26.70
CA TYR A 79 14.14 14.81 27.97
C TYR A 79 14.85 14.19 29.18
N ALA A 80 14.81 12.86 29.31
CA ALA A 80 15.25 12.16 30.53
C ALA A 80 15.36 10.62 30.40
N VAL A 81 16.01 10.00 31.39
CA VAL A 81 16.34 8.55 31.42
C VAL A 81 16.22 7.83 32.79
N VAL A 82 16.22 6.49 32.71
CA VAL A 82 16.27 5.57 33.87
C VAL A 82 17.35 4.50 33.60
N SER A 83 18.50 4.64 34.28
CA SER A 83 19.70 3.79 34.09
C SER A 83 19.54 2.33 34.54
N GLU A 84 19.45 2.09 35.85
CA GLU A 84 19.23 0.75 36.40
C GLU A 84 17.94 0.09 35.84
N GLU A 85 17.97 -1.22 35.68
CA GLU A 85 16.89 -1.96 35.00
C GLU A 85 15.61 -2.03 35.86
N PRO A 86 14.43 -2.14 35.26
CA PRO A 86 14.23 -2.12 33.80
C PRO A 86 14.40 -0.74 33.17
N ILE A 87 14.60 -0.74 31.86
CA ILE A 87 15.14 0.42 31.15
C ILE A 87 14.00 1.38 30.82
N TYR A 88 14.29 2.68 30.73
CA TYR A 88 13.33 3.67 30.21
C TYR A 88 13.99 4.90 29.59
N ILE A 89 13.45 5.34 28.46
CA ILE A 89 13.87 6.59 27.79
C ILE A 89 12.63 7.45 27.51
N VAL A 90 12.68 8.74 27.82
CA VAL A 90 11.54 9.65 27.56
C VAL A 90 11.90 10.74 26.55
N MET A 91 10.96 11.06 25.67
CA MET A 91 11.23 11.97 24.57
C MET A 91 10.03 12.81 24.22
N GLU A 92 10.32 13.85 23.45
CA GLU A 92 9.33 14.63 22.72
C GLU A 92 8.30 13.74 22.00
N TYR A 93 7.02 14.08 22.14
CA TYR A 93 5.90 13.37 21.51
C TYR A 93 5.49 14.10 20.26
N MET A 94 5.24 13.35 19.19
CA MET A 94 4.97 13.92 17.87
C MET A 94 3.55 13.54 17.56
N SER A 95 2.77 14.59 17.36
CA SER A 95 1.33 14.52 17.32
C SER A 95 0.85 13.42 16.37
N LYS A 96 1.41 13.47 15.15
CA LYS A 96 0.83 12.88 13.94
C LYS A 96 1.53 11.62 13.49
N GLY A 97 2.49 11.13 14.29
CA GLY A 97 3.21 9.87 13.99
C GLY A 97 4.13 9.95 12.77
N CYS A 98 4.53 8.80 12.25
CA CYS A 98 5.56 8.74 11.22
C CYS A 98 5.01 9.11 9.84
N LEU A 99 5.90 9.68 9.05
CA LEU A 99 5.51 10.36 7.80
C LEU A 99 5.04 9.46 6.66
N LEU A 100 5.57 8.24 6.62
CA LEU A 100 5.12 7.22 5.69
C LEU A 100 3.60 6.90 5.82
N ASP A 101 3.13 6.76 7.07
CA ASP A 101 1.68 6.56 7.42
C ASP A 101 0.84 7.78 7.12
N PHE A 102 1.41 8.96 7.30
CA PHE A 102 0.70 10.20 7.02
C PHE A 102 0.47 10.47 5.51
N LEU A 103 1.49 10.16 4.70
CA LEU A 103 1.41 10.26 3.23
C LEU A 103 0.43 9.33 2.50
N LYS A 104 0.29 8.08 2.97
CA LYS A 104 -0.57 7.04 2.30
C LYS A 104 -2.02 7.13 2.72
N GLY A 105 -2.19 7.33 4.04
CA GLY A 105 -3.47 7.45 4.71
C GLY A 105 -4.26 8.68 4.35
N GLU A 106 -5.22 9.04 5.22
CA GLU A 106 -6.24 10.06 4.89
C GLU A 106 -5.71 11.36 4.29
N MET A 107 -4.63 11.93 4.84
CA MET A 107 -4.08 13.22 4.34
C MET A 107 -3.35 13.15 2.98
N GLY A 108 -2.92 11.94 2.62
CA GLY A 108 -2.40 11.64 1.28
C GLY A 108 -3.06 12.36 0.13
N LYS A 109 -4.37 12.17 -0.04
CA LYS A 109 -5.06 12.72 -1.22
C LYS A 109 -5.18 14.25 -1.26
N TYR A 110 -5.06 14.91 -0.10
CA TYR A 110 -5.21 16.38 -0.02
C TYR A 110 -3.94 17.18 -0.18
N LEU A 111 -2.80 16.53 0.03
CA LEU A 111 -1.52 17.21 -0.01
C LEU A 111 -1.17 17.65 -1.43
N ARG A 112 -0.39 18.72 -1.51
CA ARG A 112 0.06 19.29 -2.77
C ARG A 112 1.49 19.81 -2.68
N LEU A 113 2.07 20.03 -3.84
CA LEU A 113 3.43 20.51 -3.95
C LEU A 113 3.80 21.59 -2.92
N PRO A 114 2.99 22.65 -2.79
CA PRO A 114 3.46 23.64 -1.83
C PRO A 114 3.71 23.08 -0.41
N GLN A 115 2.86 22.18 0.07
CA GLN A 115 3.03 21.66 1.44
C GLN A 115 4.10 20.54 1.51
N LEU A 116 4.20 19.79 0.42
CA LEU A 116 5.17 18.75 0.27
C LEU A 116 6.58 19.30 0.19
N VAL A 117 6.77 20.47 -0.42
CA VAL A 117 8.14 21.04 -0.53
C VAL A 117 8.58 21.76 0.74
N ASP A 118 7.67 22.40 1.43
CA ASP A 118 7.91 22.83 2.78
C ASP A 118 8.27 21.66 3.74
N MET A 119 7.52 20.54 3.70
CA MET A 119 7.87 19.39 4.57
C MET A 119 9.31 18.97 4.29
N ALA A 120 9.65 18.90 3.01
CA ALA A 120 10.96 18.46 2.55
C ALA A 120 12.05 19.42 3.00
N ALA A 121 11.71 20.71 3.02
CA ALA A 121 12.65 21.73 3.48
C ALA A 121 13.02 21.56 4.98
N GLN A 122 12.00 21.39 5.84
CA GLN A 122 12.18 21.27 7.29
C GLN A 122 13.18 20.21 7.64
N ILE A 123 13.05 19.06 7.01
CA ILE A 123 13.94 17.94 7.34
C ILE A 123 15.37 18.24 6.84
N ALA A 124 15.49 18.79 5.64
CA ALA A 124 16.76 19.28 5.14
C ALA A 124 17.51 20.15 6.21
N SER A 125 16.73 20.94 6.95
CA SER A 125 17.16 21.62 8.22
C SER A 125 17.67 20.71 9.33
N GLY A 126 16.85 19.74 9.74
CA GLY A 126 17.33 18.74 10.64
C GLY A 126 18.69 18.19 10.22
N MET A 127 18.80 17.81 8.94
CA MET A 127 20.03 17.15 8.45
C MET A 127 21.18 18.15 8.30
N ALA A 128 20.88 19.42 8.13
CA ALA A 128 21.94 20.44 8.10
C ALA A 128 22.52 20.70 9.50
N TYR A 129 21.75 20.42 10.57
CA TYR A 129 22.31 20.34 11.94
C TYR A 129 23.30 19.17 12.05
N VAL A 130 22.81 17.97 11.74
CA VAL A 130 23.59 16.72 11.79
C VAL A 130 24.85 16.83 10.96
N GLU A 131 24.75 17.50 9.82
CA GLU A 131 25.86 17.76 8.90
C GLU A 131 26.90 18.66 9.55
N ARG A 132 26.43 19.78 10.11
CA ARG A 132 27.28 20.71 10.87
C ARG A 132 27.93 20.08 12.10
N MET A 133 27.24 19.12 12.72
CA MET A 133 27.74 18.46 13.93
C MET A 133 28.64 17.26 13.66
N ASN A 134 28.83 16.90 12.39
CA ASN A 134 29.70 15.79 11.97
C ASN A 134 29.18 14.42 12.37
N TYR A 135 27.89 14.33 12.61
CA TYR A 135 27.23 13.05 12.79
C TYR A 135 26.79 12.52 11.42
N VAL A 136 26.28 11.30 11.40
CA VAL A 136 25.70 10.64 10.23
C VAL A 136 24.53 9.83 10.77
N HIS A 137 23.37 9.92 10.11
CA HIS A 137 22.13 9.29 10.59
C HIS A 137 22.02 7.81 10.16
N ARG A 138 22.24 7.56 8.85
CA ARG A 138 22.41 6.22 8.21
C ARG A 138 21.16 5.48 7.79
N ASP A 139 20.01 6.04 8.12
CA ASP A 139 18.73 5.50 7.70
C ASP A 139 17.65 6.58 7.57
N LEU A 140 17.99 7.67 6.90
CA LEU A 140 17.01 8.68 6.65
C LEU A 140 15.99 8.14 5.58
N ARG A 141 14.71 8.21 5.91
CA ARG A 141 13.61 7.84 5.02
C ARG A 141 12.30 8.21 5.71
N ALA A 142 11.18 8.04 5.05
CA ALA A 142 9.90 8.56 5.52
C ALA A 142 9.43 7.87 6.81
N ALA A 143 9.71 6.58 6.94
CA ALA A 143 9.31 5.81 8.13
C ALA A 143 9.97 6.31 9.42
N ASN A 144 11.15 6.88 9.26
CA ASN A 144 11.94 7.45 10.33
C ASN A 144 11.81 8.97 10.54
N ILE A 145 10.94 9.65 9.79
CA ILE A 145 10.61 11.05 10.09
C ILE A 145 9.31 11.00 10.87
N LEU A 146 9.18 11.87 11.86
CA LEU A 146 7.92 12.05 12.55
C LEU A 146 7.29 13.40 12.22
N VAL A 147 5.95 13.43 12.25
CA VAL A 147 5.16 14.59 11.91
C VAL A 147 4.41 15.03 13.13
N GLY A 148 4.23 16.32 13.26
CA GLY A 148 3.51 16.90 14.38
C GLY A 148 2.37 17.78 13.91
N GLU A 149 1.90 18.66 14.76
CA GLU A 149 0.81 19.54 14.38
C GLU A 149 1.38 20.52 13.37
N ASN A 150 0.51 21.13 12.59
CA ASN A 150 0.93 22.11 11.61
C ASN A 150 2.04 21.61 10.65
N LEU A 151 1.88 20.38 10.17
CA LEU A 151 2.80 19.78 9.22
C LEU A 151 4.28 19.98 9.62
N VAL A 152 4.54 19.85 10.93
CA VAL A 152 5.90 19.94 11.47
C VAL A 152 6.49 18.57 11.27
N CYS A 153 7.73 18.48 10.81
CA CYS A 153 8.40 17.18 10.59
C CYS A 153 9.80 17.19 11.23
N LYS A 154 10.21 16.07 11.81
CA LYS A 154 11.50 15.98 12.48
C LYS A 154 12.18 14.62 12.32
N VAL A 155 13.50 14.67 12.22
CA VAL A 155 14.34 13.47 12.12
C VAL A 155 14.31 12.71 13.44
N ALA A 156 14.20 11.39 13.37
CA ALA A 156 14.04 10.52 14.56
C ALA A 156 14.83 9.20 14.48
N ASP A 157 15.33 8.76 15.63
CA ASP A 157 15.94 7.44 15.80
C ASP A 157 17.10 7.18 14.81
N PRO A 178 17.67 -2.14 4.04
CA PRO A 178 16.71 -1.35 3.30
C PRO A 178 17.46 -0.66 2.18
N ILE A 179 17.89 -1.51 1.23
CA ILE A 179 18.79 -1.11 0.18
C ILE A 179 18.21 -0.01 -0.71
N LYS A 180 16.90 -0.09 -1.01
CA LYS A 180 16.23 0.86 -1.93
C LYS A 180 16.43 2.36 -1.61
N TRP A 181 16.47 2.66 -0.30
CA TRP A 181 16.79 3.99 0.26
C TRP A 181 18.28 4.29 0.48
N THR A 182 19.13 3.26 0.39
CA THR A 182 20.53 3.33 0.76
C THR A 182 21.38 3.59 -0.44
N ALA A 183 22.26 4.59 -0.35
CA ALA A 183 23.30 4.86 -1.38
C ALA A 183 24.16 3.63 -1.74
N PRO A 184 24.62 3.53 -3.00
CA PRO A 184 25.52 2.43 -3.45
C PRO A 184 26.74 2.17 -2.55
N GLU A 185 27.61 3.17 -2.39
CA GLU A 185 28.77 3.00 -1.51
C GLU A 185 28.35 2.27 -0.21
N ALA A 186 27.24 2.70 0.41
CA ALA A 186 26.84 2.25 1.73
C ALA A 186 26.27 0.85 1.76
N ALA A 187 25.36 0.53 0.84
CA ALA A 187 24.77 -0.84 0.76
C ALA A 187 25.80 -1.92 0.44
N LEU A 188 26.72 -1.57 -0.45
CA LEU A 188 27.72 -2.50 -0.93
C LEU A 188 28.90 -2.61 0.03
N TYR A 189 29.59 -1.48 0.20
CA TYR A 189 30.92 -1.41 0.85
C TYR A 189 30.94 -0.73 2.23
N GLY A 190 29.76 -0.35 2.74
CA GLY A 190 29.69 0.23 4.09
C GLY A 190 30.20 1.66 4.27
N ARG A 191 30.43 2.40 3.18
CA ARG A 191 30.82 3.81 3.27
CA ARG A 191 30.82 3.81 3.24
C ARG A 191 29.58 4.69 3.56
N PHE A 192 29.19 4.69 4.82
CA PHE A 192 28.10 5.54 5.35
C PHE A 192 28.67 6.92 5.74
N THR A 193 28.16 7.97 5.10
CA THR A 193 28.56 9.36 5.38
C THR A 193 27.33 10.27 5.29
N ILE A 194 27.54 11.56 5.56
CA ILE A 194 26.49 12.56 5.36
C ILE A 194 25.96 12.56 3.89
N LYS A 195 26.88 12.33 2.95
CA LYS A 195 26.55 12.17 1.51
C LYS A 195 25.80 10.88 1.12
N SER A 196 25.78 9.88 2.01
CA SER A 196 24.89 8.72 1.81
C SER A 196 23.49 9.09 2.29
N ASP A 197 23.41 9.84 3.39
CA ASP A 197 22.13 10.40 3.83
C ASP A 197 21.48 11.27 2.69
N VAL A 198 22.23 12.17 2.01
CA VAL A 198 21.56 13.00 0.94
C VAL A 198 21.02 12.16 -0.22
N TRP A 199 21.69 11.05 -0.53
CA TRP A 199 21.17 10.10 -1.50
C TRP A 199 19.80 9.69 -1.08
N SER A 200 19.69 9.32 0.20
CA SER A 200 18.49 8.77 0.77
C SER A 200 17.40 9.86 0.77
N PHE A 201 17.83 11.07 1.08
CA PHE A 201 16.98 12.25 0.93
C PHE A 201 16.27 12.25 -0.44
N GLY A 202 17.02 12.37 -1.52
CA GLY A 202 16.41 12.32 -2.87
C GLY A 202 15.38 11.20 -3.08
N ILE A 203 15.62 10.05 -2.46
CA ILE A 203 14.61 8.95 -2.46
C ILE A 203 13.40 9.36 -1.61
N LEU A 204 13.67 9.96 -0.44
CA LEU A 204 12.55 10.52 0.32
C LEU A 204 11.70 11.56 -0.51
N LEU A 205 12.34 12.33 -1.41
CA LEU A 205 11.65 13.31 -2.28
C LEU A 205 10.67 12.62 -3.23
N THR A 206 10.94 11.37 -3.54
CA THR A 206 10.05 10.63 -4.43
C THR A 206 8.85 10.09 -3.67
N GLU A 207 9.04 9.72 -2.40
CA GLU A 207 7.92 9.33 -1.53
C GLU A 207 6.93 10.48 -1.32
N LEU A 208 7.44 11.70 -1.16
CA LEU A 208 6.56 12.88 -1.01
C LEU A 208 5.73 13.10 -2.29
N THR A 209 6.35 12.81 -3.41
CA THR A 209 5.77 13.09 -4.71
C THR A 209 4.75 12.02 -5.18
N THR A 210 4.79 10.83 -4.57
CA THR A 210 3.81 9.74 -4.92
C THR A 210 2.92 9.42 -3.75
N LYS A 211 2.79 10.35 -2.79
CA LYS A 211 2.02 10.08 -1.58
C LYS A 211 2.45 8.79 -0.91
N GLY A 212 3.75 8.49 -0.89
CA GLY A 212 4.32 7.38 -0.09
C GLY A 212 4.51 6.00 -0.69
N ARG A 213 4.52 5.91 -2.02
CA ARG A 213 4.89 4.66 -2.74
C ARG A 213 6.33 4.26 -2.58
N VAL A 214 6.54 2.96 -2.45
CA VAL A 214 7.88 2.38 -2.32
C VAL A 214 8.67 2.69 -3.59
N PRO A 215 9.89 3.22 -3.45
CA PRO A 215 10.66 3.48 -4.68
C PRO A 215 10.77 2.27 -5.60
N TYR A 216 11.16 2.56 -6.86
CA TYR A 216 11.35 1.54 -7.92
C TYR A 216 10.14 0.62 -8.10
N PRO A 217 9.00 1.19 -8.49
CA PRO A 217 7.76 0.39 -8.57
C PRO A 217 7.97 -0.93 -9.32
N GLY A 218 7.65 -2.04 -8.66
CA GLY A 218 7.62 -3.36 -9.31
C GLY A 218 8.96 -4.11 -9.41
N MET A 219 9.99 -3.57 -8.77
CA MET A 219 11.33 -4.09 -8.87
C MET A 219 11.72 -4.48 -7.48
N VAL A 220 12.35 -5.64 -7.35
CA VAL A 220 12.79 -6.11 -6.06
C VAL A 220 14.24 -5.65 -5.83
N ASN A 221 14.70 -5.78 -4.58
CA ASN A 221 15.94 -5.13 -4.15
C ASN A 221 17.19 -5.52 -4.96
N ARG A 222 17.27 -6.77 -5.36
CA ARG A 222 18.33 -7.23 -6.26
C ARG A 222 18.24 -6.55 -7.65
N GLU A 223 17.02 -6.35 -8.17
CA GLU A 223 16.89 -5.70 -9.47
CA GLU A 223 16.79 -5.65 -9.46
C GLU A 223 17.27 -4.23 -9.41
N VAL A 224 16.95 -3.58 -8.30
CA VAL A 224 17.30 -2.17 -8.06
C VAL A 224 18.84 -2.04 -8.11
N LEU A 225 19.49 -2.80 -7.23
CA LEU A 225 20.95 -2.79 -7.07
C LEU A 225 21.78 -2.81 -8.39
N ASP A 226 21.37 -3.66 -9.35
CA ASP A 226 22.11 -3.85 -10.63
C ASP A 226 21.82 -2.72 -11.63
N GLN A 227 20.54 -2.33 -11.72
CA GLN A 227 20.07 -1.28 -12.65
C GLN A 227 20.58 0.11 -12.27
N VAL A 228 20.56 0.41 -10.98
CA VAL A 228 21.15 1.65 -10.42
C VAL A 228 22.65 1.70 -10.71
N GLU A 229 23.34 0.58 -10.65
CA GLU A 229 24.76 0.49 -11.07
C GLU A 229 24.96 0.83 -12.56
N ARG A 230 23.95 0.55 -13.39
CA ARG A 230 23.97 0.98 -14.79
C ARG A 230 23.84 2.51 -14.97
N GLY A 231 23.28 3.16 -13.97
CA GLY A 231 23.01 4.59 -14.04
C GLY A 231 21.53 4.86 -14.26
N TYR A 232 20.71 3.80 -14.24
CA TYR A 232 19.26 3.97 -14.17
C TYR A 232 18.88 4.74 -12.89
N ARG A 233 17.86 5.58 -13.03
CA ARG A 233 17.38 6.43 -11.95
C ARG A 233 15.94 6.79 -12.30
N MET A 234 15.03 6.60 -11.33
CA MET A 234 13.57 6.71 -11.53
C MET A 234 13.14 7.90 -12.37
N PRO A 235 12.14 7.73 -13.25
CA PRO A 235 11.66 8.92 -14.01
C PRO A 235 10.95 9.92 -13.16
N CYS A 236 10.66 11.05 -13.81
CA CYS A 236 9.84 12.11 -13.26
CA CYS A 236 9.85 12.11 -13.23
C CYS A 236 8.44 11.61 -12.91
N PRO A 237 8.06 11.65 -11.61
CA PRO A 237 6.70 11.25 -11.30
C PRO A 237 5.63 12.05 -12.03
N PRO A 238 4.42 11.47 -12.22
CA PRO A 238 3.35 12.23 -12.90
C PRO A 238 3.09 13.59 -12.22
N GLU A 239 2.99 14.64 -13.04
CA GLU A 239 2.64 16.00 -12.59
C GLU A 239 3.69 16.70 -11.69
N CYS A 240 4.76 15.99 -11.36
CA CYS A 240 5.82 16.57 -10.58
C CYS A 240 6.67 17.34 -11.57
N PRO A 241 6.88 18.65 -11.34
CA PRO A 241 7.65 19.51 -12.26
C PRO A 241 9.10 19.06 -12.48
N GLU A 242 9.57 19.19 -13.73
CA GLU A 242 10.91 18.71 -14.14
C GLU A 242 12.02 19.23 -13.24
N SER A 243 11.95 20.51 -12.86
CA SER A 243 12.94 21.16 -11.99
C SER A 243 13.14 20.55 -10.60
N LEU A 244 12.11 19.90 -10.06
CA LEU A 244 12.27 19.11 -8.83
C LEU A 244 12.89 17.75 -9.10
N HIS A 245 12.42 17.07 -10.16
CA HIS A 245 13.08 15.83 -10.63
C HIS A 245 14.61 15.94 -10.88
N ASP A 246 15.07 17.15 -11.20
CA ASP A 246 16.49 17.42 -11.42
C ASP A 246 17.21 17.35 -10.08
N LEU A 247 16.55 17.88 -9.05
CA LEU A 247 17.05 17.87 -7.66
C LEU A 247 17.16 16.44 -7.13
N MET A 248 16.18 15.64 -7.49
CA MET A 248 16.21 14.25 -7.21
C MET A 248 17.45 13.69 -7.87
N CYS A 249 17.57 13.90 -9.17
CA CYS A 249 18.70 13.41 -9.98
C CYS A 249 20.10 13.91 -9.55
N GLN A 250 20.18 15.08 -8.94
CA GLN A 250 21.43 15.62 -8.40
C GLN A 250 21.84 14.91 -7.09
N CYS A 251 20.86 14.56 -6.24
CA CYS A 251 21.14 13.79 -5.02
C CYS A 251 21.61 12.40 -5.35
N TRP A 252 21.20 11.87 -6.51
CA TRP A 252 21.55 10.49 -6.89
C TRP A 252 22.80 10.29 -7.81
N ARG A 253 23.74 11.22 -7.81
CA ARG A 253 24.95 11.08 -8.66
C ARG A 253 25.84 9.95 -8.16
N LYS A 254 26.40 9.20 -9.11
CA LYS A 254 27.29 8.07 -8.76
CA LYS A 254 27.31 8.08 -8.80
C LYS A 254 28.56 8.51 -8.02
N ASP A 255 28.87 9.82 -7.96
CA ASP A 255 30.04 10.34 -7.20
C ASP A 255 29.67 11.19 -5.96
N PRO A 256 29.79 10.60 -4.75
CA PRO A 256 29.38 11.19 -3.47
C PRO A 256 29.69 12.70 -3.31
N GLU A 257 30.91 13.08 -3.70
CA GLU A 257 31.41 14.48 -3.60
C GLU A 257 30.51 15.44 -4.33
N GLU A 258 30.06 15.00 -5.50
CA GLU A 258 29.29 15.84 -6.41
C GLU A 258 27.84 16.11 -5.95
N ARG A 259 27.32 15.29 -5.04
CA ARG A 259 26.02 15.52 -4.40
C ARG A 259 26.03 16.75 -3.46
N PRO A 260 24.95 17.53 -3.48
CA PRO A 260 24.97 18.81 -2.77
C PRO A 260 24.84 18.67 -1.26
N THR A 261 25.11 19.75 -0.54
CA THR A 261 24.96 19.75 0.89
C THR A 261 23.50 19.82 1.27
N PHE A 262 23.24 19.53 2.53
CA PHE A 262 21.94 19.76 3.10
C PHE A 262 21.59 21.24 3.17
N GLU A 263 22.55 22.10 3.48
CA GLU A 263 22.28 23.54 3.52
C GLU A 263 21.93 24.13 2.14
N TYR A 264 22.53 23.62 1.05
CA TYR A 264 22.05 23.90 -0.31
C TYR A 264 20.63 23.36 -0.51
N LEU A 265 20.41 22.14 -0.02
CA LEU A 265 19.12 21.43 -0.17
C LEU A 265 17.99 22.12 0.56
N GLN A 266 18.32 22.73 1.67
CA GLN A 266 17.35 23.44 2.44
C GLN A 266 16.97 24.75 1.72
N ALA A 267 17.97 25.48 1.28
CA ALA A 267 17.77 26.80 0.77
C ALA A 267 16.97 26.75 -0.54
N PHE A 268 17.33 25.78 -1.40
CA PHE A 268 16.62 25.47 -2.63
C PHE A 268 15.13 25.15 -2.44
N LEU A 269 14.80 24.29 -1.49
CA LEU A 269 13.40 23.94 -1.23
C LEU A 269 12.63 25.09 -0.55
N GLU A 270 13.32 25.84 0.29
CA GLU A 270 12.80 27.07 0.86
C GLU A 270 12.33 28.08 -0.21
N ASP A 271 13.13 28.26 -1.28
CA ASP A 271 12.96 29.33 -2.28
C ASP A 271 12.18 28.82 -3.57
N TYR A 272 11.67 27.61 -3.52
CA TYR A 272 11.19 26.93 -4.74
C TYR A 272 10.18 27.71 -5.63
N PHE A 273 9.15 28.22 -5.00
CA PHE A 273 8.01 28.72 -5.76
C PHE A 273 8.21 30.17 -6.30
N THR A 274 9.29 30.82 -5.86
CA THR A 274 9.72 32.10 -6.40
C THR A 274 10.89 31.99 -7.41
N SER A 275 11.94 31.28 -7.01
CA SER A 275 13.14 31.09 -7.83
C SER A 275 13.06 30.06 -8.99
N THR A 276 12.30 28.98 -8.82
CA THR A 276 12.33 27.85 -9.77
C THR A 276 11.07 27.62 -10.65
N GLU A 277 9.91 27.57 -9.99
CA GLU A 277 8.64 27.37 -10.62
C GLU A 277 7.76 28.52 -10.15
N PRO A 278 8.05 29.74 -10.63
CA PRO A 278 7.13 30.84 -10.34
C PRO A 278 5.75 30.64 -10.96
N GLN A 279 5.68 30.04 -12.15
CA GLN A 279 4.41 29.83 -12.88
C GLN A 279 3.76 28.41 -12.61
N TYR A 280 4.06 27.83 -11.46
CA TYR A 280 3.37 26.64 -10.97
C TYR A 280 1.84 26.78 -10.96
N GLN A 281 1.12 25.70 -11.30
CA GLN A 281 -0.35 25.67 -11.28
C GLN A 281 -0.84 24.36 -10.67
N PRO A 282 -1.78 24.45 -9.69
CA PRO A 282 -2.41 23.26 -9.14
C PRO A 282 -2.96 22.35 -10.23
N GLY A 283 -2.65 21.07 -10.09
CA GLY A 283 -3.18 20.02 -10.95
C GLY A 283 -4.02 19.04 -10.14
N GLU A 284 -4.24 17.86 -10.69
CA GLU A 284 -5.13 16.90 -10.07
C GLU A 284 -4.57 16.29 -8.77
N ASN A 285 -3.28 15.97 -8.72
CA ASN A 285 -2.67 15.41 -7.48
C ASN A 285 -1.60 16.31 -6.82
N LEU A 286 -1.06 17.24 -7.62
CA LEU A 286 0.07 18.07 -7.22
C LEU A 286 -0.14 19.53 -7.64
N LYS B 10 -26.30 -5.96 -37.43
CA LYS B 10 -25.18 -6.63 -36.68
C LYS B 10 -23.87 -5.86 -36.85
N ASP B 11 -23.12 -5.70 -35.75
CA ASP B 11 -21.83 -4.97 -35.76
C ASP B 11 -20.60 -5.89 -35.90
N ALA B 12 -19.42 -5.29 -35.95
CA ALA B 12 -18.17 -6.01 -36.19
C ALA B 12 -17.72 -7.03 -35.12
N TRP B 13 -18.41 -7.10 -33.98
CA TRP B 13 -18.26 -8.24 -33.04
C TRP B 13 -18.94 -9.54 -33.61
N GLU B 14 -19.87 -9.39 -34.55
CA GLU B 14 -20.58 -10.52 -35.22
C GLU B 14 -19.69 -11.44 -36.06
N ILE B 15 -19.85 -12.76 -35.86
CA ILE B 15 -19.10 -13.79 -36.59
C ILE B 15 -20.01 -14.98 -36.98
N PRO B 16 -19.52 -15.86 -37.88
CA PRO B 16 -20.18 -17.15 -38.17
C PRO B 16 -19.71 -18.34 -37.32
N ARG B 17 -20.60 -19.31 -37.13
CA ARG B 17 -20.37 -20.47 -36.26
C ARG B 17 -19.25 -21.41 -36.70
N GLU B 18 -18.96 -21.44 -37.99
CA GLU B 18 -17.91 -22.28 -38.58
C GLU B 18 -16.55 -22.05 -37.91
N SER B 19 -16.33 -20.81 -37.48
CA SER B 19 -15.15 -20.43 -36.70
C SER B 19 -14.89 -21.25 -35.41
N LEU B 20 -15.98 -21.71 -34.79
CA LEU B 20 -15.94 -22.32 -33.45
C LEU B 20 -15.84 -23.86 -33.43
N ARG B 21 -14.86 -24.36 -32.69
CA ARG B 21 -14.76 -25.80 -32.37
C ARG B 21 -14.90 -25.96 -30.85
N LEU B 22 -16.11 -26.30 -30.39
CA LEU B 22 -16.39 -26.53 -28.96
C LEU B 22 -15.80 -27.89 -28.55
N GLU B 23 -15.27 -27.99 -27.33
CA GLU B 23 -14.53 -29.21 -26.89
C GLU B 23 -14.97 -29.84 -25.56
N VAL B 24 -14.60 -29.23 -24.43
CA VAL B 24 -14.84 -29.77 -23.08
C VAL B 24 -15.84 -28.88 -22.39
N LYS B 25 -16.90 -29.46 -21.82
CA LYS B 25 -17.85 -28.73 -20.96
C LYS B 25 -17.17 -28.40 -19.62
N LEU B 26 -17.20 -27.13 -19.22
CA LEU B 26 -16.48 -26.66 -18.03
C LEU B 26 -17.36 -26.47 -16.78
N GLY B 27 -18.68 -26.40 -16.97
CA GLY B 27 -19.63 -26.40 -15.85
C GLY B 27 -20.94 -25.75 -16.23
N GLN B 28 -22.06 -26.34 -15.80
CA GLN B 28 -23.38 -25.80 -16.11
C GLN B 28 -23.65 -24.64 -15.17
N GLY B 29 -23.44 -23.42 -15.67
CA GLY B 29 -24.02 -22.24 -15.07
C GLY B 29 -25.51 -22.28 -15.31
N CYS B 30 -26.25 -21.38 -14.66
CA CYS B 30 -27.68 -21.25 -14.91
C CYS B 30 -27.90 -20.65 -16.29
N PHE B 31 -29.11 -20.86 -16.80
CA PHE B 31 -29.58 -20.51 -18.17
C PHE B 31 -28.66 -20.86 -19.38
N GLY B 32 -27.72 -21.79 -19.21
CA GLY B 32 -26.78 -22.14 -20.29
C GLY B 32 -25.63 -23.03 -19.85
N GLU B 33 -24.49 -22.91 -20.53
CA GLU B 33 -23.29 -23.67 -20.22
C GLU B 33 -22.03 -23.00 -20.78
N VAL B 34 -20.88 -23.48 -20.32
CA VAL B 34 -19.58 -22.97 -20.76
C VAL B 34 -18.69 -24.11 -21.23
N TRP B 35 -17.93 -23.85 -22.30
CA TRP B 35 -17.05 -24.83 -22.94
C TRP B 35 -15.67 -24.25 -23.13
N MET B 36 -14.63 -25.08 -23.03
CA MET B 36 -13.34 -24.80 -23.66
C MET B 36 -13.53 -25.06 -25.14
N GLY B 37 -12.88 -24.27 -25.99
CA GLY B 37 -13.01 -24.40 -27.43
C GLY B 37 -11.84 -23.85 -28.23
N THR B 38 -12.05 -23.75 -29.55
CA THR B 38 -11.06 -23.17 -30.48
C THR B 38 -11.71 -22.23 -31.49
N TRP B 39 -10.99 -21.17 -31.85
CA TRP B 39 -11.50 -20.10 -32.69
C TRP B 39 -10.62 -19.87 -33.90
N ASN B 40 -11.22 -19.98 -35.08
CA ASN B 40 -10.49 -19.98 -36.34
C ASN B 40 -9.36 -21.03 -36.30
N GLY B 41 -9.65 -22.17 -35.66
CA GLY B 41 -8.72 -23.29 -35.52
C GLY B 41 -7.35 -23.06 -34.87
N THR B 42 -7.12 -21.89 -34.28
CA THR B 42 -5.79 -21.51 -33.77
C THR B 42 -5.79 -21.10 -32.30
N THR B 43 -6.70 -20.19 -31.93
CA THR B 43 -6.70 -19.61 -30.59
C THR B 43 -7.58 -20.46 -29.66
N ARG B 44 -7.06 -20.79 -28.47
CA ARG B 44 -7.84 -21.49 -27.43
C ARG B 44 -8.72 -20.49 -26.73
N VAL B 45 -9.93 -20.91 -26.39
CA VAL B 45 -11.01 -19.97 -26.12
C VAL B 45 -12.03 -20.62 -25.20
N ALA B 46 -12.84 -19.78 -24.55
CA ALA B 46 -13.99 -20.20 -23.74
C ALA B 46 -15.27 -19.55 -24.30
N ILE B 47 -16.38 -20.27 -24.21
CA ILE B 47 -17.58 -20.01 -25.01
C ILE B 47 -18.79 -20.17 -24.14
N LYS B 48 -19.68 -19.19 -24.16
CA LYS B 48 -20.85 -19.13 -23.27
C LYS B 48 -22.19 -19.33 -24.03
N THR B 49 -23.02 -20.26 -23.54
CA THR B 49 -24.28 -20.66 -24.18
C THR B 49 -25.51 -20.06 -23.49
N LEU B 50 -26.65 -20.07 -24.19
CA LEU B 50 -28.00 -19.91 -23.60
C LEU B 50 -28.67 -21.29 -23.51
N ALA B 64 -21.48 -9.01 -22.43
CA ALA B 64 -22.17 -8.96 -23.71
C ALA B 64 -22.11 -7.55 -24.33
N GLN B 65 -23.16 -6.73 -24.18
CA GLN B 65 -23.15 -5.32 -24.64
C GLN B 65 -22.16 -4.50 -23.81
N VAL B 66 -22.25 -4.73 -22.49
CA VAL B 66 -21.39 -4.15 -21.46
C VAL B 66 -19.90 -4.49 -21.66
N MET B 67 -19.63 -5.73 -22.04
CA MET B 67 -18.26 -6.26 -22.14
C MET B 67 -17.51 -5.84 -23.40
N LYS B 68 -18.23 -5.30 -24.39
CA LYS B 68 -17.64 -4.71 -25.60
C LYS B 68 -16.89 -3.39 -25.37
N LYS B 69 -17.31 -2.64 -24.35
CA LYS B 69 -16.71 -1.37 -24.02
C LYS B 69 -15.47 -1.60 -23.15
N LEU B 70 -15.62 -2.43 -22.12
CA LEU B 70 -14.57 -2.65 -21.12
C LEU B 70 -13.41 -3.48 -21.68
N ARG B 71 -12.20 -3.13 -21.25
CA ARG B 71 -10.95 -3.56 -21.89
C ARG B 71 -9.78 -3.29 -20.93
N HIS B 72 -9.19 -4.34 -20.39
CA HIS B 72 -8.16 -4.21 -19.36
C HIS B 72 -7.54 -5.59 -19.05
N GLU B 73 -6.27 -5.58 -18.62
CA GLU B 73 -5.45 -6.78 -18.36
C GLU B 73 -5.97 -7.70 -17.21
N LYS B 74 -6.49 -7.09 -16.16
CA LYS B 74 -7.16 -7.80 -15.03
C LYS B 74 -8.68 -8.02 -15.16
N LEU B 75 -9.25 -7.67 -16.31
CA LEU B 75 -10.59 -8.15 -16.67
C LEU B 75 -10.50 -9.25 -17.69
N VAL B 76 -11.49 -10.15 -17.63
CA VAL B 76 -11.65 -11.24 -18.62
C VAL B 76 -12.24 -10.64 -19.91
N GLN B 77 -11.79 -11.17 -21.04
CA GLN B 77 -12.00 -10.58 -22.37
C GLN B 77 -13.09 -11.20 -23.27
N LEU B 78 -13.86 -10.31 -23.89
CA LEU B 78 -14.71 -10.65 -25.03
C LEU B 78 -13.89 -10.65 -26.32
N TYR B 79 -13.95 -11.78 -27.01
CA TYR B 79 -13.38 -11.91 -28.34
C TYR B 79 -14.42 -11.65 -29.44
N ALA B 80 -15.53 -12.38 -29.39
CA ALA B 80 -16.55 -12.33 -30.45
C ALA B 80 -17.89 -12.92 -30.00
N VAL B 81 -18.92 -12.71 -30.81
CA VAL B 81 -20.32 -13.05 -30.49
C VAL B 81 -21.07 -13.59 -31.73
N VAL B 82 -22.13 -14.38 -31.50
CA VAL B 82 -23.09 -14.84 -32.54
C VAL B 82 -24.54 -14.46 -32.15
N SER B 83 -25.09 -13.43 -32.81
CA SER B 83 -26.43 -12.91 -32.49
C SER B 83 -27.57 -13.89 -32.82
N GLU B 84 -27.69 -14.26 -34.10
CA GLU B 84 -28.77 -15.15 -34.57
C GLU B 84 -28.59 -16.61 -34.11
N GLU B 85 -29.58 -17.12 -33.37
CA GLU B 85 -29.58 -18.44 -32.69
C GLU B 85 -29.07 -19.61 -33.59
N PRO B 86 -28.32 -20.59 -33.06
CA PRO B 86 -27.88 -20.71 -31.66
C PRO B 86 -26.74 -19.81 -31.21
N ILE B 87 -26.84 -19.41 -29.94
CA ILE B 87 -26.19 -18.20 -29.45
C ILE B 87 -24.92 -18.54 -28.73
N TYR B 88 -23.87 -17.76 -29.00
CA TYR B 88 -22.55 -17.93 -28.38
C TYR B 88 -21.93 -16.60 -28.05
N ILE B 89 -21.34 -16.52 -26.87
CA ILE B 89 -20.42 -15.46 -26.51
C ILE B 89 -19.08 -16.19 -26.47
N VAL B 90 -18.01 -15.47 -26.78
CA VAL B 90 -16.69 -16.06 -26.94
C VAL B 90 -15.72 -15.22 -26.12
N MET B 91 -14.79 -15.88 -25.44
CA MET B 91 -14.00 -15.23 -24.39
C MET B 91 -12.62 -15.79 -24.17
N GLU B 92 -11.79 -15.01 -23.50
CA GLU B 92 -10.48 -15.43 -22.98
C GLU B 92 -10.63 -16.64 -22.07
N TYR B 93 -9.74 -17.62 -22.21
CA TYR B 93 -9.71 -18.84 -21.37
C TYR B 93 -8.74 -18.67 -20.19
N MET B 94 -9.17 -19.16 -19.04
CA MET B 94 -8.48 -18.95 -17.78
C MET B 94 -8.23 -20.36 -17.29
N SER B 95 -6.99 -20.77 -17.45
CA SER B 95 -6.59 -22.17 -17.29
C SER B 95 -6.87 -22.82 -15.93
N LYS B 96 -6.96 -22.05 -14.85
CA LYS B 96 -7.06 -22.61 -13.48
C LYS B 96 -8.44 -22.46 -12.83
N GLY B 97 -9.45 -22.01 -13.59
CA GLY B 97 -10.86 -21.96 -13.12
C GLY B 97 -11.16 -21.01 -11.94
N CYS B 98 -12.39 -21.03 -11.44
CA CYS B 98 -12.81 -20.05 -10.44
C CYS B 98 -11.95 -20.01 -9.17
N LEU B 99 -11.84 -18.81 -8.57
CA LEU B 99 -10.92 -18.55 -7.45
C LEU B 99 -11.33 -19.14 -6.11
N LEU B 100 -12.63 -19.24 -5.87
CA LEU B 100 -13.17 -19.96 -4.72
C LEU B 100 -12.72 -21.44 -4.69
N ASP B 101 -12.90 -22.12 -5.81
CA ASP B 101 -12.43 -23.54 -5.97
C ASP B 101 -10.92 -23.74 -5.81
N PHE B 102 -10.14 -22.72 -6.11
CA PHE B 102 -8.70 -22.81 -6.04
C PHE B 102 -8.18 -22.71 -4.60
N LEU B 103 -8.75 -21.77 -3.83
CA LEU B 103 -8.47 -21.51 -2.40
C LEU B 103 -8.77 -22.64 -1.39
N LYS B 104 -10.00 -23.15 -1.46
CA LYS B 104 -10.45 -24.32 -0.72
C LYS B 104 -10.29 -25.42 -1.74
N GLY B 105 -9.23 -26.20 -1.55
CA GLY B 105 -8.74 -27.04 -2.61
C GLY B 105 -7.32 -27.46 -2.29
N GLU B 106 -6.56 -27.74 -3.33
CA GLU B 106 -5.30 -28.44 -3.20
C GLU B 106 -4.17 -27.43 -3.03
N MET B 107 -4.15 -26.37 -3.83
CA MET B 107 -3.26 -25.22 -3.59
C MET B 107 -3.47 -24.50 -2.25
N GLY B 108 -4.68 -24.62 -1.71
CA GLY B 108 -5.05 -24.04 -0.42
C GLY B 108 -4.05 -24.08 0.71
N LYS B 109 -3.59 -25.28 1.05
CA LYS B 109 -2.73 -25.49 2.23
C LYS B 109 -1.31 -24.93 2.11
N TYR B 110 -0.83 -24.67 0.89
CA TYR B 110 0.50 -24.07 0.65
C TYR B 110 0.50 -22.57 0.40
N LEU B 111 -0.70 -22.01 0.19
CA LEU B 111 -0.83 -20.55 -0.01
C LEU B 111 -0.48 -19.75 1.28
N ARG B 112 0.24 -18.63 1.06
CA ARG B 112 0.64 -17.75 2.16
C ARG B 112 0.45 -16.27 1.82
N LEU B 113 0.51 -15.47 2.89
CA LEU B 113 0.28 -14.05 2.81
C LEU B 113 0.88 -13.40 1.59
N PRO B 114 2.20 -13.58 1.35
CA PRO B 114 2.75 -12.87 0.21
C PRO B 114 1.95 -13.04 -1.09
N GLN B 115 1.41 -14.26 -1.27
CA GLN B 115 0.68 -14.62 -2.51
C GLN B 115 -0.78 -14.14 -2.45
N LEU B 116 -1.39 -14.30 -1.30
CA LEU B 116 -2.75 -13.88 -1.07
C LEU B 116 -2.87 -12.35 -1.25
N VAL B 117 -1.91 -11.60 -0.71
CA VAL B 117 -1.92 -10.14 -0.79
C VAL B 117 -1.64 -9.68 -2.21
N ASP B 118 -0.67 -10.27 -2.86
CA ASP B 118 -0.55 -10.05 -4.28
C ASP B 118 -1.86 -10.40 -5.05
N MET B 119 -2.41 -11.59 -4.85
CA MET B 119 -3.68 -11.96 -5.53
C MET B 119 -4.75 -10.88 -5.33
N ALA B 120 -4.78 -10.31 -4.13
CA ALA B 120 -5.71 -9.25 -3.79
C ALA B 120 -5.39 -7.96 -4.49
N ALA B 121 -4.10 -7.67 -4.63
CA ALA B 121 -3.72 -6.49 -5.37
C ALA B 121 -4.20 -6.50 -6.85
N GLN B 122 -4.17 -7.64 -7.53
CA GLN B 122 -4.57 -7.72 -8.95
C GLN B 122 -6.06 -7.45 -9.19
N ILE B 123 -6.90 -8.00 -8.34
CA ILE B 123 -8.32 -7.75 -8.43
C ILE B 123 -8.55 -6.29 -8.21
N ALA B 124 -7.85 -5.73 -7.23
CA ALA B 124 -7.99 -4.32 -6.89
C ALA B 124 -7.74 -3.46 -8.10
N SER B 125 -6.62 -3.75 -8.78
CA SER B 125 -6.29 -3.16 -10.10
C SER B 125 -7.40 -3.33 -11.19
N GLY B 126 -8.00 -4.51 -11.22
CA GLY B 126 -9.12 -4.73 -12.10
C GLY B 126 -10.31 -3.84 -11.75
N MET B 127 -10.59 -3.72 -10.47
CA MET B 127 -11.69 -2.89 -10.02
C MET B 127 -11.40 -1.40 -10.16
N ALA B 128 -10.13 -1.04 -10.12
CA ALA B 128 -9.72 0.33 -10.38
C ALA B 128 -9.99 0.78 -11.83
N TYR B 129 -9.93 -0.16 -12.78
CA TYR B 129 -10.30 0.16 -14.19
C TYR B 129 -11.81 0.45 -14.33
N VAL B 130 -12.62 -0.48 -13.80
CA VAL B 130 -14.10 -0.29 -13.79
C VAL B 130 -14.47 1.00 -13.01
N GLU B 131 -13.78 1.25 -11.90
CA GLU B 131 -13.98 2.46 -11.10
C GLU B 131 -13.73 3.73 -11.93
N ARG B 132 -12.65 3.74 -12.72
CA ARG B 132 -12.33 4.85 -13.65
C ARG B 132 -13.37 4.98 -14.76
N MET B 133 -13.87 3.86 -15.28
CA MET B 133 -14.88 3.85 -16.36
C MET B 133 -16.30 4.24 -15.92
N ASN B 134 -16.51 4.33 -14.61
CA ASN B 134 -17.81 4.62 -14.03
C ASN B 134 -18.84 3.50 -14.25
N TYR B 135 -18.34 2.27 -14.20
CA TYR B 135 -19.19 1.10 -14.13
C TYR B 135 -19.27 0.59 -12.69
N VAL B 136 -20.11 -0.42 -12.49
CA VAL B 136 -20.32 -1.09 -11.21
C VAL B 136 -20.51 -2.58 -11.53
N HIS B 137 -19.74 -3.48 -10.92
CA HIS B 137 -19.89 -4.94 -11.20
C HIS B 137 -21.08 -5.61 -10.49
N ARG B 138 -21.27 -5.32 -9.20
CA ARG B 138 -22.46 -5.74 -8.41
C ARG B 138 -22.49 -7.14 -7.80
N ASP B 139 -21.56 -7.95 -8.18
CA ASP B 139 -21.42 -9.29 -7.64
C ASP B 139 -19.96 -9.70 -7.63
N LEU B 140 -19.11 -8.81 -7.13
CA LEU B 140 -17.74 -9.14 -6.90
C LEU B 140 -17.71 -10.12 -5.69
N ARG B 141 -17.01 -11.23 -5.89
CA ARG B 141 -16.81 -12.27 -4.87
C ARG B 141 -15.92 -13.33 -5.51
N ALA B 142 -15.23 -14.12 -4.69
CA ALA B 142 -14.23 -15.08 -5.16
C ALA B 142 -14.75 -16.09 -6.25
N ALA B 143 -15.99 -16.56 -6.14
CA ALA B 143 -16.58 -17.39 -7.20
C ALA B 143 -16.76 -16.71 -8.60
N ASN B 144 -16.47 -15.44 -8.69
CA ASN B 144 -16.48 -14.70 -9.94
C ASN B 144 -15.12 -14.05 -10.25
N ILE B 145 -14.06 -14.46 -9.55
CA ILE B 145 -12.71 -14.25 -10.02
C ILE B 145 -12.26 -15.55 -10.69
N LEU B 146 -11.63 -15.37 -11.84
CA LEU B 146 -11.00 -16.47 -12.52
C LEU B 146 -9.53 -16.30 -12.31
N VAL B 147 -8.84 -17.44 -12.17
CA VAL B 147 -7.41 -17.49 -11.95
C VAL B 147 -6.77 -18.24 -13.11
N GLY B 148 -5.53 -17.85 -13.43
CA GLY B 148 -4.77 -18.44 -14.51
C GLY B 148 -3.42 -18.92 -14.01
N GLU B 149 -2.46 -18.97 -14.93
CA GLU B 149 -1.09 -19.40 -14.62
C GLU B 149 -0.35 -18.29 -13.89
N ASN B 150 0.60 -18.66 -13.04
CA ASN B 150 1.43 -17.72 -12.25
C ASN B 150 0.59 -16.92 -11.22
N LEU B 151 -0.41 -17.60 -10.66
CA LEU B 151 -1.49 -17.01 -9.84
C LEU B 151 -2.15 -15.72 -10.35
N VAL B 152 -2.26 -15.56 -11.67
CA VAL B 152 -2.96 -14.41 -12.25
C VAL B 152 -4.44 -14.50 -11.96
N CYS B 153 -5.07 -13.40 -11.57
CA CYS B 153 -6.48 -13.38 -11.19
C CYS B 153 -7.21 -12.27 -11.94
N LYS B 154 -8.32 -12.58 -12.58
CA LYS B 154 -9.07 -11.53 -13.31
C LYS B 154 -10.55 -11.55 -12.98
N VAL B 155 -11.14 -10.36 -13.02
CA VAL B 155 -12.53 -10.17 -12.69
C VAL B 155 -13.40 -10.67 -13.86
N ALA B 156 -14.24 -11.62 -13.53
CA ALA B 156 -15.35 -12.02 -14.36
C ALA B 156 -16.49 -12.08 -13.38
N ASP B 157 -17.69 -12.44 -13.81
CA ASP B 157 -18.21 -12.17 -15.13
C ASP B 157 -18.80 -10.81 -14.84
N PHE B 158 -19.77 -10.31 -15.62
CA PHE B 158 -20.22 -8.92 -15.42
C PHE B 158 -21.73 -8.72 -15.46
N GLY B 159 -22.42 -8.93 -14.32
CA GLY B 159 -23.88 -8.73 -14.26
C GLY B 159 -24.57 -9.63 -13.23
N LEU B 160 -25.91 -9.73 -13.19
CA LEU B 160 -26.93 -9.19 -14.14
C LEU B 160 -26.84 -9.72 -15.59
N PRO B 178 -26.79 -14.14 -1.94
CA PRO B 178 -25.75 -13.16 -2.29
C PRO B 178 -25.51 -12.03 -1.28
N ILE B 179 -26.35 -11.92 -0.23
CA ILE B 179 -26.24 -10.76 0.63
C ILE B 179 -24.99 -10.78 1.53
N LYS B 180 -24.48 -11.96 1.89
CA LYS B 180 -23.24 -12.05 2.69
C LYS B 180 -22.03 -11.29 2.08
N TRP B 181 -21.94 -11.24 0.76
CA TRP B 181 -20.96 -10.43 0.05
C TRP B 181 -21.48 -9.07 -0.36
N THR B 182 -22.78 -8.85 -0.27
CA THR B 182 -23.37 -7.61 -0.71
C THR B 182 -23.41 -6.63 0.45
N ALA B 183 -22.98 -5.39 0.17
CA ALA B 183 -23.08 -4.25 1.07
C ALA B 183 -24.52 -4.02 1.59
N PRO B 184 -24.67 -3.34 2.74
CA PRO B 184 -26.00 -3.14 3.35
C PRO B 184 -27.02 -2.32 2.52
N GLU B 185 -26.62 -1.13 2.13
CA GLU B 185 -27.41 -0.30 1.25
C GLU B 185 -27.83 -1.03 -0.05
N ALA B 186 -26.95 -1.89 -0.57
CA ALA B 186 -27.23 -2.57 -1.84
C ALA B 186 -28.22 -3.68 -1.68
N ALA B 187 -28.07 -4.47 -0.62
CA ALA B 187 -28.93 -5.62 -0.31
C ALA B 187 -30.31 -5.26 0.31
N LEU B 188 -30.36 -4.14 1.03
CA LEU B 188 -31.60 -3.50 1.47
C LEU B 188 -32.25 -2.59 0.38
N TYR B 189 -31.60 -1.50 0.00
CA TYR B 189 -32.20 -0.42 -0.85
C TYR B 189 -31.74 -0.33 -2.32
N GLY B 190 -30.92 -1.28 -2.75
CA GLY B 190 -30.47 -1.30 -4.14
C GLY B 190 -29.51 -0.19 -4.60
N ARG B 191 -29.00 0.65 -3.70
CA ARG B 191 -27.93 1.60 -4.07
C ARG B 191 -26.58 0.84 -4.34
N PHE B 192 -26.49 0.33 -5.56
CA PHE B 192 -25.32 -0.36 -6.07
C PHE B 192 -24.35 0.61 -6.69
N THR B 193 -23.18 0.70 -6.08
CA THR B 193 -22.16 1.65 -6.48
C THR B 193 -20.83 0.93 -6.49
N ILE B 194 -19.81 1.62 -6.99
CA ILE B 194 -18.45 1.13 -6.91
C ILE B 194 -18.08 0.83 -5.45
N LYS B 195 -18.64 1.65 -4.56
CA LYS B 195 -18.37 1.60 -3.12
C LYS B 195 -19.05 0.41 -2.42
N SER B 196 -20.18 -0.06 -2.96
CA SER B 196 -20.79 -1.33 -2.52
C SER B 196 -19.84 -2.48 -2.91
N ASP B 197 -19.36 -2.43 -4.16
CA ASP B 197 -18.32 -3.35 -4.63
C ASP B 197 -17.12 -3.38 -3.65
N VAL B 198 -16.66 -2.22 -3.19
CA VAL B 198 -15.54 -2.13 -2.19
C VAL B 198 -15.81 -2.90 -0.88
N TRP B 199 -17.05 -2.87 -0.40
CA TRP B 199 -17.51 -3.75 0.69
C TRP B 199 -17.33 -5.23 0.37
N SER B 200 -17.77 -5.61 -0.84
CA SER B 200 -17.67 -7.00 -1.29
C SER B 200 -16.20 -7.40 -1.33
N PHE B 201 -15.37 -6.45 -1.78
CA PHE B 201 -13.91 -6.61 -1.77
C PHE B 201 -13.38 -6.95 -0.35
N GLY B 202 -13.83 -6.21 0.65
CA GLY B 202 -13.43 -6.51 2.05
C GLY B 202 -13.84 -7.90 2.54
N ILE B 203 -15.01 -8.37 2.11
CA ILE B 203 -15.47 -9.72 2.38
C ILE B 203 -14.57 -10.71 1.60
N LEU B 204 -14.23 -10.40 0.35
CA LEU B 204 -13.29 -11.22 -0.46
C LEU B 204 -11.87 -11.33 0.13
N LEU B 205 -11.46 -10.35 0.94
CA LEU B 205 -10.15 -10.38 1.63
C LEU B 205 -10.21 -11.40 2.74
N THR B 206 -11.39 -11.59 3.27
CA THR B 206 -11.74 -12.62 4.27
C THR B 206 -11.61 -14.07 3.72
N GLU B 207 -12.05 -14.28 2.45
CA GLU B 207 -11.98 -15.60 1.79
C GLU B 207 -10.52 -15.94 1.48
N LEU B 208 -9.74 -14.96 1.04
CA LEU B 208 -8.31 -15.15 0.81
C LEU B 208 -7.54 -15.50 2.09
N THR B 209 -7.94 -15.02 3.25
CA THR B 209 -7.18 -15.32 4.49
C THR B 209 -7.64 -16.57 5.31
N THR B 210 -8.80 -17.12 4.96
CA THR B 210 -9.27 -18.38 5.57
C THR B 210 -9.25 -19.51 4.56
N LYS B 211 -8.62 -19.31 3.41
CA LYS B 211 -8.58 -20.36 2.39
C LYS B 211 -9.98 -20.69 1.87
N GLY B 212 -10.77 -19.66 1.61
CA GLY B 212 -12.09 -19.79 0.96
C GLY B 212 -13.30 -20.16 1.79
N ARG B 213 -13.24 -20.00 3.11
CA ARG B 213 -14.43 -20.27 3.95
C ARG B 213 -15.49 -19.22 3.65
N VAL B 214 -16.71 -19.67 3.55
CA VAL B 214 -17.86 -18.80 3.57
C VAL B 214 -17.79 -17.78 4.74
N PRO B 215 -17.88 -16.47 4.44
CA PRO B 215 -17.89 -15.50 5.57
C PRO B 215 -19.02 -15.71 6.58
N TYR B 216 -18.90 -15.02 7.72
CA TYR B 216 -19.80 -15.17 8.89
C TYR B 216 -20.07 -16.62 9.25
N PRO B 217 -19.02 -17.39 9.65
CA PRO B 217 -19.21 -18.82 9.94
C PRO B 217 -20.38 -19.11 10.91
N GLY B 218 -21.29 -19.96 10.44
CA GLY B 218 -22.38 -20.47 11.28
C GLY B 218 -23.64 -19.60 11.34
N MET B 219 -23.61 -18.44 10.67
CA MET B 219 -24.70 -17.49 10.71
C MET B 219 -25.53 -17.59 9.44
N VAL B 220 -26.79 -17.91 9.62
CA VAL B 220 -27.71 -18.09 8.52
C VAL B 220 -27.93 -16.67 7.89
N ASN B 221 -28.44 -16.64 6.67
CA ASN B 221 -28.62 -15.37 5.93
C ASN B 221 -29.10 -14.14 6.76
N ARG B 222 -30.07 -14.34 7.65
CA ARG B 222 -30.77 -13.24 8.31
C ARG B 222 -30.11 -12.77 9.64
N GLU B 223 -29.37 -13.67 10.32
CA GLU B 223 -28.56 -13.28 11.49
C GLU B 223 -27.38 -12.38 11.11
N VAL B 224 -26.96 -12.44 9.84
CA VAL B 224 -25.97 -11.50 9.27
C VAL B 224 -26.50 -10.06 9.11
N LEU B 225 -27.63 -9.94 8.42
CA LEU B 225 -28.28 -8.64 8.22
C LEU B 225 -28.44 -7.92 9.57
N ASP B 226 -29.14 -8.57 10.51
CA ASP B 226 -29.45 -7.97 11.83
C ASP B 226 -28.19 -7.55 12.59
N GLN B 227 -27.21 -8.47 12.61
CA GLN B 227 -25.93 -8.26 13.33
C GLN B 227 -25.12 -7.15 12.70
N VAL B 228 -24.85 -7.29 11.40
CA VAL B 228 -24.05 -6.31 10.65
C VAL B 228 -24.66 -4.93 10.74
N GLU B 229 -25.99 -4.87 10.69
CA GLU B 229 -26.69 -3.60 10.81
C GLU B 229 -26.67 -3.08 12.25
N ARG B 230 -26.53 -3.96 13.24
CA ARG B 230 -26.14 -3.55 14.62
C ARG B 230 -24.61 -3.38 14.87
N GLY B 231 -23.83 -3.28 13.80
CA GLY B 231 -22.41 -2.97 13.87
C GLY B 231 -21.45 -4.09 14.15
N TYR B 232 -21.90 -5.35 14.12
CA TYR B 232 -20.98 -6.50 14.09
C TYR B 232 -20.10 -6.40 12.84
N ARG B 233 -18.82 -6.75 13.00
CA ARG B 233 -17.90 -7.01 11.86
C ARG B 233 -17.03 -8.18 12.23
N MET B 234 -16.75 -9.08 11.28
CA MET B 234 -16.00 -10.30 11.56
C MET B 234 -14.69 -10.03 12.33
N PRO B 235 -14.32 -10.89 13.28
CA PRO B 235 -13.00 -10.70 13.94
C PRO B 235 -11.82 -10.91 13.01
N CYS B 236 -10.63 -10.61 13.53
CA CYS B 236 -9.38 -10.90 12.87
C CYS B 236 -9.25 -12.42 12.71
N PRO B 237 -9.11 -12.91 11.45
CA PRO B 237 -8.86 -14.32 11.22
C PRO B 237 -7.59 -14.84 11.85
N PRO B 238 -7.57 -16.12 12.26
CA PRO B 238 -6.35 -16.61 12.91
C PRO B 238 -5.04 -16.32 12.09
N GLU B 239 -4.02 -15.78 12.75
CA GLU B 239 -2.69 -15.49 12.14
C GLU B 239 -2.70 -14.35 11.13
N CYS B 240 -3.88 -13.85 10.79
CA CYS B 240 -3.95 -12.68 9.94
C CYS B 240 -3.45 -11.46 10.68
N PRO B 241 -2.42 -10.77 10.15
CA PRO B 241 -1.90 -9.57 10.84
C PRO B 241 -2.93 -8.43 10.95
N GLU B 242 -2.91 -7.79 12.11
CA GLU B 242 -3.88 -6.77 12.53
C GLU B 242 -4.10 -5.69 11.46
N SER B 243 -3.01 -5.10 11.01
CA SER B 243 -2.98 -4.12 9.91
C SER B 243 -3.78 -4.49 8.66
N LEU B 244 -3.86 -5.78 8.33
CA LEU B 244 -4.78 -6.22 7.25
C LEU B 244 -6.25 -6.24 7.69
N HIS B 245 -6.52 -6.73 8.92
CA HIS B 245 -7.88 -6.75 9.44
C HIS B 245 -8.59 -5.35 9.48
N ASP B 246 -7.84 -4.25 9.61
CA ASP B 246 -8.53 -2.96 9.61
C ASP B 246 -8.73 -2.40 8.20
N LEU B 247 -7.90 -2.81 7.25
CA LEU B 247 -8.22 -2.63 5.82
C LEU B 247 -9.61 -3.22 5.58
N MET B 248 -9.84 -4.42 6.11
CA MET B 248 -11.15 -5.05 5.99
C MET B 248 -12.25 -4.25 6.68
N CYS B 249 -12.01 -3.86 7.94
CA CYS B 249 -12.94 -2.98 8.72
C CYS B 249 -13.13 -1.58 8.07
N GLN B 250 -12.10 -1.07 7.38
CA GLN B 250 -12.21 0.18 6.61
C GLN B 250 -13.18 0.02 5.44
N CYS B 251 -13.11 -1.13 4.75
CA CYS B 251 -14.02 -1.45 3.63
C CYS B 251 -15.46 -1.60 4.10
N TRP B 252 -15.64 -1.99 5.36
CA TRP B 252 -16.98 -2.24 5.91
C TRP B 252 -17.64 -1.13 6.73
N ARG B 253 -17.22 0.11 6.54
CA ARG B 253 -17.88 1.26 7.23
C ARG B 253 -19.36 1.49 6.82
N LYS B 254 -20.22 1.72 7.83
CA LYS B 254 -21.63 2.04 7.61
C LYS B 254 -21.86 3.11 6.55
N ASP B 255 -20.96 4.09 6.45
CA ASP B 255 -21.10 5.16 5.46
C ASP B 255 -20.33 4.88 4.17
N PRO B 256 -21.05 4.67 3.05
CA PRO B 256 -20.38 4.29 1.81
C PRO B 256 -19.24 5.21 1.39
N GLU B 257 -19.40 6.52 1.59
CA GLU B 257 -18.41 7.50 1.12
CA GLU B 257 -18.42 7.53 1.15
C GLU B 257 -17.07 7.33 1.83
N GLU B 258 -17.10 6.97 3.12
CA GLU B 258 -15.89 6.86 3.95
C GLU B 258 -15.07 5.55 3.73
N ARG B 259 -15.53 4.66 2.85
CA ARG B 259 -14.71 3.54 2.37
C ARG B 259 -13.76 3.97 1.26
N PRO B 260 -12.57 3.36 1.18
CA PRO B 260 -11.60 3.92 0.29
C PRO B 260 -11.85 3.55 -1.17
N THR B 261 -10.99 4.07 -2.00
CA THR B 261 -11.00 3.83 -3.42
C THR B 261 -10.43 2.42 -3.63
N PHE B 262 -10.63 1.88 -4.84
CA PHE B 262 -9.81 0.76 -5.31
C PHE B 262 -8.32 1.16 -5.50
N GLU B 263 -8.02 2.15 -6.36
CA GLU B 263 -6.71 2.84 -6.43
C GLU B 263 -5.91 3.05 -5.10
N TYR B 264 -6.61 3.31 -4.00
CA TYR B 264 -6.01 3.30 -2.67
C TYR B 264 -5.78 1.83 -2.19
N LEU B 265 -6.83 1.00 -2.23
CA LEU B 265 -6.77 -0.45 -1.98
C LEU B 265 -5.69 -1.18 -2.82
N GLN B 266 -5.57 -0.79 -4.06
CA GLN B 266 -4.58 -1.36 -4.92
C GLN B 266 -3.19 -1.02 -4.34
N ALA B 267 -2.94 0.27 -4.15
CA ALA B 267 -1.59 0.73 -3.87
C ALA B 267 -1.08 0.21 -2.49
N PHE B 268 -2.03 0.11 -1.56
CA PHE B 268 -1.82 -0.40 -0.20
C PHE B 268 -1.35 -1.85 -0.16
N LEU B 269 -2.02 -2.68 -0.97
CA LEU B 269 -1.67 -4.10 -1.09
C LEU B 269 -0.38 -4.35 -1.85
N GLU B 270 -0.17 -3.57 -2.94
CA GLU B 270 1.10 -3.58 -3.72
C GLU B 270 2.31 -3.39 -2.83
N ASP B 271 2.15 -2.56 -1.80
CA ASP B 271 3.24 -2.08 -0.99
C ASP B 271 3.29 -2.70 0.41
N TYR B 272 2.39 -3.64 0.67
CA TYR B 272 2.14 -4.15 2.02
C TYR B 272 3.44 -4.58 2.79
N PHE B 273 4.23 -5.47 2.23
CA PHE B 273 5.37 -5.97 2.99
C PHE B 273 6.56 -5.03 3.22
N THR B 274 6.56 -3.84 2.61
CA THR B 274 7.51 -2.78 3.01
C THR B 274 6.86 -1.68 3.86
N SER B 275 5.73 -1.15 3.41
CA SER B 275 5.12 -0.01 4.07
C SER B 275 4.47 -0.27 5.44
N THR B 276 3.77 -1.42 5.57
CA THR B 276 2.90 -1.69 6.74
C THR B 276 3.21 -2.89 7.68
N GLU B 277 3.77 -3.97 7.13
CA GLU B 277 4.23 -5.12 7.92
C GLU B 277 5.61 -5.52 7.46
N PRO B 278 6.59 -4.61 7.58
CA PRO B 278 7.95 -4.98 7.18
C PRO B 278 8.55 -6.16 7.99
N GLN B 279 8.15 -6.32 9.26
CA GLN B 279 8.70 -7.34 10.17
C GLN B 279 7.95 -8.71 10.19
N TYR B 280 7.17 -8.97 9.14
CA TYR B 280 6.44 -10.22 8.96
C TYR B 280 7.37 -11.45 8.97
N GLN B 281 6.86 -12.54 9.53
CA GLN B 281 7.56 -13.81 9.65
C GLN B 281 6.58 -14.90 9.27
N PRO B 282 6.98 -15.83 8.38
CA PRO B 282 6.10 -16.94 8.03
C PRO B 282 5.62 -17.70 9.28
N GLY B 283 4.39 -18.16 9.24
CA GLY B 283 3.81 -18.95 10.32
C GLY B 283 3.29 -20.27 9.75
N GLU B 284 2.49 -20.98 10.53
CA GLU B 284 2.16 -22.37 10.18
C GLU B 284 1.14 -22.41 9.04
N ASN B 285 0.15 -21.54 9.11
CA ASN B 285 -0.90 -21.38 8.07
C ASN B 285 -0.77 -20.14 7.20
N LEU B 286 -0.03 -19.14 7.67
CA LEU B 286 -0.05 -17.83 7.03
C LEU B 286 1.28 -17.10 7.25
#